data_4ODO
#
_entry.id   4ODO
#
_cell.length_a   48.710
_cell.length_b   50.210
_cell.length_c   57.670
_cell.angle_alpha   85.74
_cell.angle_beta   68.92
_cell.angle_gamma   80.12
#
_symmetry.space_group_name_H-M   'P 1'
#
loop_
_entity.id
_entity.type
_entity.pdbx_description
1 polymer 'Peptidyl-prolyl cis-trans isomerase SlyD'
2 non-polymer 'MAGNESIUM ION'
3 non-polymer 'CHLORIDE ION'
4 non-polymer 8-DEETHYL-8-[BUT-3-ENYL]-ASCOMYCIN
5 non-polymer 2-[BIS-(2-HYDROXY-ETHYL)-AMINO]-2-HYDROXYMETHYL-PROPANE-1,3-DIOL
6 non-polymer GLYCEROL
7 water water
#
_entity_poly.entity_id   1
_entity_poly.type   'polypeptide(L)'
_entity_poly.pdbx_seq_one_letter_code
;MKVGQDKVVTIRYTLQVEGEVLDQGELSYLHGHRNLIPGLEEALEGREEGEAFQAHVPAEKAYGPHDPEGVQVVPLSAFP
EDAEVVPGAQFYAQDMEGNPMPLTVVAVEGEEVTVDFNHPLAGKDLDFQVEVVKVREATPEELLHGHAHPSGHHHHHH
;
_entity_poly.pdbx_strand_id   A,B,C
#
loop_
_chem_comp.id
_chem_comp.type
_chem_comp.name
_chem_comp.formula
BTB non-polymer 2-[BIS-(2-HYDROXY-ETHYL)-AMINO]-2-HYDROXYMETHYL-PROPANE-1,3-DIOL 'C8 H19 N O5'
CL non-polymer 'CHLORIDE ION' 'Cl -1'
FK5 non-polymer 8-DEETHYL-8-[BUT-3-ENYL]-ASCOMYCIN 'C44 H69 N O12'
GOL non-polymer GLYCEROL 'C3 H8 O3'
MG non-polymer 'MAGNESIUM ION' 'Mg 2'
#
# COMPACT_ATOMS: atom_id res chain seq x y z
N MET A 1 42.31 -13.74 13.34
CA MET A 1 41.25 -13.12 14.15
C MET A 1 40.01 -13.99 14.14
N LYS A 2 39.39 -14.17 15.30
CA LYS A 2 38.21 -15.02 15.42
C LYS A 2 36.90 -14.23 15.30
N VAL A 3 35.90 -14.89 14.73
CA VAL A 3 34.54 -14.35 14.69
C VAL A 3 34.02 -14.08 16.08
N GLY A 4 33.47 -12.88 16.28
CA GLY A 4 32.92 -12.52 17.57
C GLY A 4 32.20 -11.19 17.48
N GLN A 5 31.67 -10.75 18.62
CA GLN A 5 30.95 -9.49 18.72
C GLN A 5 31.71 -8.33 18.08
N ASP A 6 31.00 -7.57 17.25
CA ASP A 6 31.53 -6.34 16.64
C ASP A 6 32.68 -6.58 15.66
N LYS A 7 32.82 -7.82 15.19
CA LYS A 7 33.68 -8.09 14.05
C LYS A 7 32.85 -8.01 12.77
N VAL A 8 33.47 -7.52 11.69
CA VAL A 8 32.89 -7.67 10.37
C VAL A 8 33.47 -8.93 9.72
N VAL A 9 32.58 -9.83 9.35
CA VAL A 9 32.96 -11.18 8.93
C VAL A 9 32.55 -11.41 7.49
N THR A 10 33.50 -11.86 6.67
CA THR A 10 33.18 -12.19 5.29
C THR A 10 33.09 -13.71 5.14
N ILE A 11 31.96 -14.20 4.65
CA ILE A 11 31.75 -15.63 4.46
C ILE A 11 31.37 -15.93 3.02
N ARG A 12 31.82 -17.09 2.54
CA ARG A 12 31.27 -17.69 1.33
C ARG A 12 30.32 -18.79 1.76
N TYR A 13 29.17 -18.87 1.12
CA TYR A 13 28.16 -19.83 1.57
C TYR A 13 27.39 -20.46 0.42
N THR A 14 26.90 -21.67 0.67
CA THR A 14 25.88 -22.26 -0.18
CA THR A 14 25.88 -22.26 -0.18
C THR A 14 24.72 -22.66 0.70
N LEU A 15 23.51 -22.35 0.27
CA LEU A 15 22.32 -22.73 1.01
C LEU A 15 21.60 -23.85 0.28
N GLN A 16 21.36 -24.95 1.00
CA GLN A 16 20.57 -26.05 0.49
C GLN A 16 19.37 -26.25 1.40
N VAL A 17 18.23 -26.55 0.78
CA VAL A 17 17.05 -26.93 1.55
C VAL A 17 16.47 -28.21 0.95
N GLU A 18 16.44 -29.27 1.76
CA GLU A 18 15.91 -30.55 1.33
C GLU A 18 16.57 -31.05 0.05
N GLY A 19 17.89 -30.90 -0.02
CA GLY A 19 18.67 -31.43 -1.12
C GLY A 19 18.82 -30.51 -2.32
N GLU A 20 18.09 -29.39 -2.31
CA GLU A 20 18.13 -28.46 -3.43
C GLU A 20 18.93 -27.19 -3.09
N VAL A 21 19.88 -26.83 -3.94
CA VAL A 21 20.62 -25.59 -3.75
C VAL A 21 19.72 -24.40 -4.05
N LEU A 22 19.57 -23.50 -3.09
CA LEU A 22 18.71 -22.34 -3.26
C LEU A 22 19.48 -21.04 -3.49
N ASP A 23 20.71 -20.99 -3.01
CA ASP A 23 21.48 -19.76 -3.08
C ASP A 23 22.95 -20.05 -2.82
N GLN A 24 23.78 -19.13 -3.27
CA GLN A 24 25.22 -19.26 -3.11
C GLN A 24 25.78 -17.87 -3.24
N GLY A 25 26.81 -17.56 -2.48
CA GLY A 25 27.39 -16.25 -2.61
C GLY A 25 28.46 -15.93 -1.60
N GLU A 26 28.76 -14.64 -1.49
CA GLU A 26 29.70 -14.15 -0.51
C GLU A 26 29.08 -12.92 0.16
N LEU A 27 29.24 -12.84 1.47
CA LEU A 27 28.59 -11.82 2.28
C LEU A 27 29.56 -11.30 3.32
N SER A 28 29.57 -9.98 3.55
CA SER A 28 30.21 -9.43 4.73
C SER A 28 29.13 -8.89 5.65
N TYR A 29 29.18 -9.26 6.93
CA TYR A 29 28.13 -8.83 7.86
C TYR A 29 28.76 -8.42 9.17
N LEU A 30 28.04 -7.58 9.92
CA LEU A 30 28.47 -7.19 11.25
C LEU A 30 27.91 -8.18 12.27
N HIS A 31 28.80 -8.86 12.98
CA HIS A 31 28.45 -9.97 13.86
C HIS A 31 27.96 -9.50 15.22
N GLY A 32 26.88 -10.11 15.69
CA GLY A 32 26.35 -9.81 17.03
C GLY A 32 25.31 -8.71 17.08
N HIS A 33 24.73 -8.36 15.92
CA HIS A 33 23.74 -7.29 15.85
C HIS A 33 22.44 -7.73 15.18
N ARG A 34 22.15 -9.03 15.26
CA ARG A 34 20.95 -9.62 14.67
C ARG A 34 20.85 -9.38 13.17
N ASN A 35 22.00 -9.37 12.49
CA ASN A 35 22.04 -9.20 11.04
C ASN A 35 21.99 -10.52 10.28
N LEU A 36 22.15 -11.63 10.98
CA LEU A 36 22.10 -12.95 10.36
C LEU A 36 21.11 -13.82 11.12
N ILE A 37 20.61 -14.87 10.49
CA ILE A 37 19.73 -15.78 11.20
C ILE A 37 20.49 -16.31 12.42
N PRO A 38 19.80 -16.41 13.57
CA PRO A 38 20.44 -16.72 14.85
C PRO A 38 21.29 -17.99 14.83
N GLY A 39 20.77 -19.05 14.23
CA GLY A 39 21.45 -20.33 14.22
C GLY A 39 22.80 -20.31 13.51
N LEU A 40 22.90 -19.54 12.44
CA LEU A 40 24.15 -19.50 11.68
C LEU A 40 25.17 -18.65 12.42
N GLU A 41 24.68 -17.57 13.03
CA GLU A 41 25.55 -16.71 13.81
CA GLU A 41 25.54 -16.71 13.81
C GLU A 41 26.14 -17.47 14.99
N GLU A 42 25.34 -18.32 15.61
CA GLU A 42 25.82 -19.18 16.70
C GLU A 42 26.90 -20.13 16.18
N ALA A 43 26.69 -20.65 14.98
CA ALA A 43 27.63 -21.59 14.37
C ALA A 43 28.95 -20.92 13.98
N LEU A 44 28.90 -19.61 13.71
CA LEU A 44 30.08 -18.86 13.29
C LEU A 44 30.90 -18.34 14.47
N GLU A 45 30.25 -18.17 15.62
CA GLU A 45 30.93 -17.61 16.79
C GLU A 45 32.20 -18.40 17.14
N GLY A 46 33.32 -17.69 17.25
CA GLY A 46 34.59 -18.31 17.61
C GLY A 46 35.39 -18.93 16.47
N ARG A 47 34.81 -18.98 15.28
CA ARG A 47 35.52 -19.55 14.12
C ARG A 47 36.72 -18.69 13.71
N GLU A 48 37.79 -19.35 13.29
CA GLU A 48 38.97 -18.63 12.80
C GLU A 48 38.85 -18.32 11.31
N GLU A 49 39.51 -17.24 10.90
CA GLU A 49 39.60 -16.91 9.49
C GLU A 49 40.21 -18.09 8.74
N GLY A 50 39.56 -18.51 7.65
CA GLY A 50 40.03 -19.62 6.85
C GLY A 50 39.28 -20.93 7.10
N GLU A 51 38.56 -21.01 8.21
CA GLU A 51 37.80 -22.22 8.54
C GLU A 51 36.65 -22.47 7.59
N ALA A 52 36.45 -23.73 7.22
CA ALA A 52 35.27 -24.12 6.46
C ALA A 52 34.51 -25.20 7.21
N PHE A 53 33.18 -25.16 7.14
CA PHE A 53 32.37 -26.08 7.91
C PHE A 53 30.95 -26.18 7.38
N GLN A 54 30.21 -27.15 7.89
CA GLN A 54 28.81 -27.32 7.54
C GLN A 54 27.95 -26.97 8.74
N ALA A 55 26.79 -26.37 8.48
CA ALA A 55 25.89 -25.99 9.56
C ALA A 55 24.45 -26.31 9.20
N HIS A 56 23.85 -27.22 9.95
CA HIS A 56 22.43 -27.52 9.81
C HIS A 56 21.65 -26.67 10.81
N VAL A 57 20.84 -25.75 10.28
CA VAL A 57 20.09 -24.82 11.13
C VAL A 57 18.60 -25.15 11.13
N PRO A 58 18.08 -25.61 12.28
CA PRO A 58 16.66 -25.92 12.40
C PRO A 58 15.80 -24.68 12.16
N ALA A 59 14.58 -24.89 11.67
CA ALA A 59 13.66 -23.80 11.37
C ALA A 59 13.57 -22.78 12.51
N GLU A 60 13.53 -23.27 13.74
CA GLU A 60 13.39 -22.43 14.93
C GLU A 60 14.53 -21.41 15.08
N LYS A 61 15.73 -21.80 14.64
CA LYS A 61 16.88 -20.90 14.68
C LYS A 61 17.12 -20.23 13.33
N ALA A 62 16.22 -20.44 12.38
CA ALA A 62 16.34 -19.84 11.06
C ALA A 62 15.22 -18.84 10.83
N TYR A 63 14.28 -19.16 9.94
CA TYR A 63 13.19 -18.22 9.65
C TYR A 63 11.91 -18.52 10.42
N GLY A 64 12.00 -19.43 11.38
CA GLY A 64 10.90 -19.71 12.29
C GLY A 64 9.92 -20.73 11.76
N PRO A 65 8.92 -21.09 12.58
CA PRO A 65 7.93 -22.09 12.18
C PRO A 65 6.94 -21.48 11.19
N HIS A 66 6.21 -22.35 10.48
CA HIS A 66 5.13 -21.91 9.62
C HIS A 66 3.91 -21.57 10.47
N ASP A 67 3.46 -20.32 10.39
CA ASP A 67 2.31 -19.84 11.14
C ASP A 67 1.03 -20.08 10.34
N PRO A 68 0.11 -20.91 10.86
CA PRO A 68 -1.13 -21.19 10.13
C PRO A 68 -1.96 -19.93 9.88
N GLU A 69 -1.85 -18.95 10.76
CA GLU A 69 -2.54 -17.66 10.58
C GLU A 69 -2.08 -16.92 9.33
N GLY A 70 -0.95 -17.35 8.77
CA GLY A 70 -0.41 -16.69 7.60
C GLY A 70 -1.07 -17.11 6.30
N VAL A 71 -1.90 -18.14 6.36
CA VAL A 71 -2.61 -18.62 5.17
C VAL A 71 -4.00 -18.03 5.14
N GLN A 72 -4.26 -17.22 4.12
CA GLN A 72 -5.50 -16.46 4.06
C GLN A 72 -6.12 -16.46 2.66
N VAL A 73 -7.41 -16.18 2.61
CA VAL A 73 -8.13 -16.12 1.35
C VAL A 73 -8.44 -14.67 1.01
N VAL A 74 -8.01 -14.24 -0.17
CA VAL A 74 -8.23 -12.87 -0.60
C VAL A 74 -8.93 -12.84 -1.96
N PRO A 75 -9.65 -11.74 -2.25
CA PRO A 75 -10.32 -11.62 -3.55
C PRO A 75 -9.33 -11.49 -4.69
N LEU A 76 -9.66 -12.11 -5.82
CA LEU A 76 -8.81 -12.07 -7.01
C LEU A 76 -8.64 -10.63 -7.50
N SER A 77 -9.62 -9.79 -7.22
CA SER A 77 -9.58 -8.39 -7.62
C SER A 77 -8.52 -7.56 -6.89
N ALA A 78 -7.91 -8.14 -5.87
CA ALA A 78 -6.84 -7.47 -5.12
C ALA A 78 -5.51 -7.54 -5.84
N PHE A 79 -5.42 -8.40 -6.86
CA PHE A 79 -4.17 -8.62 -7.56
C PHE A 79 -4.00 -7.69 -8.75
N PRO A 80 -2.74 -7.39 -9.12
CA PRO A 80 -2.41 -6.56 -10.28
C PRO A 80 -3.24 -6.94 -11.52
N GLU A 81 -3.70 -5.92 -12.24
CA GLU A 81 -4.70 -6.05 -13.30
C GLU A 81 -4.48 -7.19 -14.28
N ASP A 82 -3.25 -7.35 -14.75
CA ASP A 82 -2.95 -8.35 -15.78
C ASP A 82 -1.91 -9.37 -15.32
N ALA A 83 -1.78 -9.54 -14.02
CA ALA A 83 -0.80 -10.47 -13.47
C ALA A 83 -1.26 -11.91 -13.61
N GLU A 84 -0.30 -12.82 -13.62
CA GLU A 84 -0.60 -14.25 -13.61
C GLU A 84 -0.75 -14.73 -12.18
N VAL A 85 -1.98 -15.07 -11.80
CA VAL A 85 -2.24 -15.52 -10.44
C VAL A 85 -2.38 -17.04 -10.41
N VAL A 86 -1.25 -17.70 -10.13
CA VAL A 86 -1.16 -19.16 -10.16
C VAL A 86 -0.32 -19.60 -8.98
N PRO A 87 -0.44 -20.87 -8.56
CA PRO A 87 0.37 -21.37 -7.45
C PRO A 87 1.85 -21.07 -7.61
N GLY A 88 2.45 -20.52 -6.56
CA GLY A 88 3.86 -20.18 -6.58
C GLY A 88 4.15 -18.74 -6.94
N ALA A 89 3.19 -18.05 -7.57
CA ALA A 89 3.38 -16.64 -7.91
C ALA A 89 3.52 -15.80 -6.66
N GLN A 90 4.44 -14.83 -6.73
CA GLN A 90 4.71 -13.97 -5.58
C GLN A 90 4.33 -12.52 -5.85
N PHE A 91 3.84 -11.86 -4.80
CA PHE A 91 3.44 -10.47 -4.90
C PHE A 91 3.82 -9.75 -3.62
N TYR A 92 4.22 -8.50 -3.76
CA TYR A 92 4.49 -7.72 -2.58
C TYR A 92 3.17 -7.19 -2.06
N ALA A 93 3.06 -7.05 -0.74
CA ALA A 93 1.89 -6.45 -0.13
C ALA A 93 2.27 -5.88 1.24
N GLN A 94 1.36 -5.12 1.83
CA GLN A 94 1.57 -4.53 3.15
C GLN A 94 0.33 -4.70 4.03
N ASP A 95 0.54 -4.71 5.34
CA ASP A 95 -0.56 -4.89 6.29
C ASP A 95 -1.35 -3.60 6.51
N MET A 96 -2.22 -3.59 7.52
CA MET A 96 -3.10 -2.45 7.78
C MET A 96 -2.36 -1.30 8.44
N GLU A 97 -1.10 -1.53 8.80
CA GLU A 97 -0.25 -0.48 9.34
C GLU A 97 0.67 0.06 8.25
N GLY A 98 1.25 -0.84 7.48
CA GLY A 98 2.11 -0.46 6.37
C GLY A 98 3.38 -1.27 6.31
N ASN A 99 3.54 -2.21 7.24
CA ASN A 99 4.71 -3.07 7.26
C ASN A 99 4.71 -4.04 6.09
N PRO A 100 5.90 -4.36 5.57
CA PRO A 100 6.02 -5.28 4.43
C PRO A 100 5.35 -6.63 4.71
N MET A 101 4.51 -7.06 3.78
CA MET A 101 3.80 -8.33 3.93
CA MET A 101 3.82 -8.34 3.93
C MET A 101 3.71 -9.06 2.58
N PRO A 102 4.87 -9.41 1.99
CA PRO A 102 4.87 -10.14 0.71
C PRO A 102 4.14 -11.47 0.82
N LEU A 103 3.62 -11.98 -0.30
CA LEU A 103 2.85 -13.21 -0.26
C LEU A 103 3.19 -14.15 -1.39
N THR A 104 2.81 -15.41 -1.22
CA THR A 104 2.91 -16.41 -2.28
C THR A 104 1.53 -17.03 -2.50
N VAL A 105 1.12 -17.17 -3.74
CA VAL A 105 -0.16 -17.80 -4.07
C VAL A 105 -0.10 -19.31 -3.81
N VAL A 106 -1.09 -19.84 -3.12
CA VAL A 106 -1.16 -21.28 -2.84
C VAL A 106 -2.10 -21.96 -3.84
N ALA A 107 -3.27 -21.37 -4.04
CA ALA A 107 -4.28 -21.96 -4.92
C ALA A 107 -5.35 -20.93 -5.30
N VAL A 108 -6.02 -21.17 -6.42
CA VAL A 108 -7.07 -20.27 -6.88
C VAL A 108 -8.35 -21.06 -7.10
N GLU A 109 -9.48 -20.49 -6.68
CA GLU A 109 -10.78 -21.07 -6.98
C GLU A 109 -11.76 -19.93 -7.29
N GLY A 110 -12.08 -19.75 -8.56
CA GLY A 110 -12.92 -18.66 -8.99
C GLY A 110 -12.31 -17.32 -8.61
N GLU A 111 -13.06 -16.51 -7.89
CA GLU A 111 -12.61 -15.18 -7.50
C GLU A 111 -11.90 -15.17 -6.14
N GLU A 112 -11.57 -16.35 -5.62
CA GLU A 112 -10.89 -16.45 -4.32
C GLU A 112 -9.48 -17.02 -4.46
N VAL A 113 -8.51 -16.31 -3.92
CA VAL A 113 -7.12 -16.74 -4.01
C VAL A 113 -6.59 -17.07 -2.63
N THR A 114 -6.11 -18.30 -2.44
CA THR A 114 -5.53 -18.67 -1.16
C THR A 114 -4.05 -18.32 -1.22
N VAL A 115 -3.60 -17.52 -0.27
CA VAL A 115 -2.23 -17.01 -0.26
C VAL A 115 -1.54 -17.35 1.05
N ASP A 116 -0.21 -17.28 1.06
CA ASP A 116 0.56 -17.54 2.26
C ASP A 116 1.48 -16.36 2.53
N PHE A 117 1.30 -15.72 3.69
CA PHE A 117 2.12 -14.56 4.08
C PHE A 117 3.38 -14.97 4.83
N ASN A 118 3.53 -16.26 5.11
CA ASN A 118 4.76 -16.73 5.76
C ASN A 118 5.98 -16.50 4.91
N HIS A 119 7.13 -16.39 5.57
CA HIS A 119 8.40 -16.44 4.86
C HIS A 119 8.45 -17.76 4.08
N PRO A 120 8.93 -17.73 2.83
CA PRO A 120 8.98 -18.94 1.99
C PRO A 120 9.79 -20.06 2.63
N LEU A 121 10.69 -19.72 3.54
CA LEU A 121 11.49 -20.73 4.24
C LEU A 121 10.99 -21.03 5.66
N ALA A 122 9.85 -20.47 6.05
CA ALA A 122 9.29 -20.80 7.34
C ALA A 122 9.05 -22.31 7.43
N GLY A 123 9.41 -22.91 8.56
CA GLY A 123 9.22 -24.33 8.79
C GLY A 123 10.32 -25.21 8.21
N LYS A 124 11.26 -24.61 7.49
CA LYS A 124 12.31 -25.39 6.82
C LYS A 124 13.63 -25.36 7.57
N ASP A 125 14.31 -26.50 7.61
CA ASP A 125 15.67 -26.57 8.13
C ASP A 125 16.62 -26.19 7.01
N LEU A 126 17.62 -25.40 7.34
CA LEU A 126 18.56 -24.89 6.34
C LEU A 126 19.91 -25.56 6.48
N ASP A 127 20.48 -25.96 5.35
CA ASP A 127 21.82 -26.55 5.35
C ASP A 127 22.82 -25.61 4.67
N PHE A 128 23.84 -25.19 5.42
CA PHE A 128 24.84 -24.27 4.90
C PHE A 128 26.20 -24.92 4.80
N GLN A 129 26.87 -24.72 3.66
CA GLN A 129 28.29 -24.95 3.58
C GLN A 129 28.93 -23.57 3.67
N VAL A 130 29.85 -23.38 4.61
CA VAL A 130 30.35 -22.04 4.93
C VAL A 130 31.87 -21.99 4.99
N GLU A 131 32.46 -20.95 4.41
CA GLU A 131 33.88 -20.67 4.59
C GLU A 131 34.05 -19.27 5.16
N VAL A 132 34.81 -19.14 6.25
CA VAL A 132 35.13 -17.84 6.80
C VAL A 132 36.31 -17.26 6.02
N VAL A 133 36.05 -16.21 5.25
CA VAL A 133 37.08 -15.69 4.36
C VAL A 133 37.94 -14.64 5.04
N LYS A 134 37.29 -13.76 5.81
CA LYS A 134 37.98 -12.64 6.44
C LYS A 134 37.26 -12.24 7.72
N VAL A 135 38.05 -11.86 8.73
CA VAL A 135 37.51 -11.29 9.95
C VAL A 135 38.30 -10.03 10.26
N ARG A 136 37.60 -8.93 10.49
CA ARG A 136 38.25 -7.69 10.88
C ARG A 136 37.38 -6.97 11.90
N GLU A 137 37.95 -5.98 12.58
CA GLU A 137 37.16 -5.16 13.49
C GLU A 137 36.22 -4.24 12.73
N ALA A 138 35.00 -4.07 13.24
CA ALA A 138 34.09 -3.09 12.70
C ALA A 138 34.62 -1.69 12.93
N THR A 139 34.35 -0.79 11.99
CA THR A 139 34.71 0.62 12.16
C THR A 139 33.68 1.32 13.05
N PRO A 140 34.04 2.48 13.61
CA PRO A 140 33.02 3.19 14.39
C PRO A 140 31.78 3.50 13.56
N GLU A 141 31.97 3.85 12.29
CA GLU A 141 30.85 4.12 11.41
C GLU A 141 29.93 2.91 11.30
N GLU A 142 30.52 1.72 11.20
CA GLU A 142 29.74 0.50 11.07
C GLU A 142 28.95 0.21 12.34
N LEU A 143 29.56 0.46 13.49
CA LEU A 143 28.87 0.25 14.77
C LEU A 143 27.72 1.23 14.94
N LEU A 144 27.93 2.47 14.52
CA LEU A 144 26.88 3.47 14.67
C LEU A 144 25.72 3.22 13.70
N HIS A 145 26.02 2.68 12.52
CA HIS A 145 25.00 2.42 11.52
C HIS A 145 24.35 1.05 11.72
N GLY A 146 25.04 0.18 12.43
CA GLY A 146 24.49 -1.12 12.77
C GLY A 146 24.65 -2.18 11.70
N HIS A 147 25.48 -1.92 10.69
CA HIS A 147 25.74 -2.92 9.67
C HIS A 147 27.09 -2.69 8.98
N ALA A 148 27.54 -3.72 8.27
CA ALA A 148 28.81 -3.67 7.58
C ALA A 148 28.77 -2.74 6.37
N HIS A 149 29.92 -2.12 6.07
CA HIS A 149 30.08 -1.28 4.88
C HIS A 149 31.21 -1.83 4.02
N PRO A 150 31.06 -1.77 2.68
CA PRO A 150 31.99 -2.27 1.65
C PRO A 150 33.46 -2.22 2.05
N MET B 1 -36.42 27.43 -12.51
CA MET B 1 -35.34 26.88 -13.32
C MET B 1 -35.23 25.36 -13.07
N LYS B 2 -35.21 24.59 -14.15
CA LYS B 2 -35.17 23.13 -14.04
C LYS B 2 -33.75 22.61 -13.87
N VAL B 3 -33.65 21.52 -13.11
CA VAL B 3 -32.41 20.75 -13.02
C VAL B 3 -32.00 20.23 -14.39
N GLY B 4 -30.76 20.47 -14.77
CA GLY B 4 -30.26 19.97 -16.02
C GLY B 4 -28.77 20.17 -16.12
N GLN B 5 -28.21 19.82 -17.28
CA GLN B 5 -26.78 19.92 -17.54
C GLN B 5 -26.21 21.27 -17.15
N ASP B 6 -25.11 21.24 -16.39
CA ASP B 6 -24.35 22.43 -15.99
C ASP B 6 -25.12 23.37 -15.06
N LYS B 7 -26.15 22.85 -14.40
CA LYS B 7 -26.79 23.60 -13.32
C LYS B 7 -26.16 23.19 -11.99
N VAL B 8 -26.04 24.13 -11.06
CA VAL B 8 -25.69 23.79 -9.70
C VAL B 8 -26.98 23.67 -8.91
N VAL B 9 -27.18 22.51 -8.30
CA VAL B 9 -28.45 22.14 -7.70
C VAL B 9 -28.25 21.90 -6.22
N THR B 10 -29.07 22.55 -5.40
CA THR B 10 -29.04 22.33 -3.97
C THR B 10 -30.21 21.43 -3.59
N ILE B 11 -29.91 20.31 -2.94
CA ILE B 11 -30.97 19.41 -2.47
C ILE B 11 -30.87 19.17 -0.98
N ARG B 12 -32.01 18.91 -0.35
CA ARG B 12 -32.03 18.32 0.97
C ARG B 12 -32.43 16.87 0.77
N TYR B 13 -31.77 15.96 1.48
CA TYR B 13 -32.02 14.55 1.27
C TYR B 13 -32.02 13.76 2.57
N THR B 14 -32.75 12.65 2.54
CA THR B 14 -32.63 11.63 3.56
CA THR B 14 -32.63 11.62 3.56
C THR B 14 -32.40 10.31 2.84
N LEU B 15 -31.48 9.51 3.35
CA LEU B 15 -31.21 8.20 2.79
C LEU B 15 -31.71 7.12 3.73
N GLN B 16 -32.56 6.24 3.22
CA GLN B 16 -33.00 5.07 3.97
C GLN B 16 -32.63 3.81 3.23
N VAL B 17 -32.24 2.79 3.98
CA VAL B 17 -32.04 1.46 3.44
C VAL B 17 -32.79 0.46 4.30
N GLU B 18 -33.75 -0.24 3.69
CA GLU B 18 -34.55 -1.24 4.38
C GLU B 18 -35.28 -0.66 5.60
N GLY B 19 -35.86 0.52 5.41
CA GLY B 19 -36.64 1.17 6.45
C GLY B 19 -35.83 1.86 7.53
N GLU B 20 -34.52 1.95 7.33
CA GLU B 20 -33.64 2.53 8.33
C GLU B 20 -32.89 3.75 7.79
N VAL B 21 -33.00 4.87 8.50
CA VAL B 21 -32.33 6.10 8.07
C VAL B 21 -30.82 6.00 8.28
N LEU B 22 -30.07 6.19 7.20
CA LEU B 22 -28.62 6.06 7.28
C LEU B 22 -27.91 7.40 7.23
N ASP B 23 -28.51 8.36 6.55
CA ASP B 23 -27.87 9.65 6.37
C ASP B 23 -28.90 10.71 6.02
N GLN B 24 -28.55 11.96 6.29
CA GLN B 24 -29.42 13.07 5.99
C GLN B 24 -28.56 14.32 5.85
N GLY B 25 -29.01 15.26 5.04
CA GLY B 25 -28.29 16.52 4.95
C GLY B 25 -28.68 17.38 3.78
N GLU B 26 -27.80 18.31 3.44
CA GLU B 26 -28.01 19.22 2.33
C GLU B 26 -26.76 19.18 1.48
N LEU B 27 -26.96 19.23 0.17
CA LEU B 27 -25.87 19.11 -0.80
C LEU B 27 -26.07 20.08 -1.95
N SER B 28 -25.02 20.78 -2.36
CA SER B 28 -25.05 21.51 -3.61
C SER B 28 -24.04 20.87 -4.55
N TYR B 29 -24.51 20.43 -5.71
CA TYR B 29 -23.65 19.70 -6.63
C TYR B 29 -23.82 20.22 -8.07
N LEU B 30 -22.82 19.95 -8.90
CA LEU B 30 -22.88 20.31 -10.30
C LEU B 30 -23.44 19.15 -11.13
N HIS B 31 -24.56 19.39 -11.79
CA HIS B 31 -25.32 18.33 -12.48
C HIS B 31 -24.73 18.02 -13.86
N GLY B 32 -24.63 16.73 -14.17
CA GLY B 32 -24.21 16.30 -15.49
C GLY B 32 -22.72 16.09 -15.66
N HIS B 33 -22.02 15.99 -14.54
CA HIS B 33 -20.56 15.82 -14.53
C HIS B 33 -20.12 14.61 -13.71
N ARG B 34 -21.00 13.61 -13.62
CA ARG B 34 -20.74 12.36 -12.91
C ARG B 34 -20.42 12.56 -11.42
N ASN B 35 -21.03 13.56 -10.80
CA ASN B 35 -20.76 13.83 -9.39
C ASN B 35 -21.71 13.10 -8.44
N LEU B 36 -22.77 12.53 -8.99
CA LEU B 36 -23.74 11.79 -8.18
C LEU B 36 -23.86 10.36 -8.65
N ILE B 37 -24.38 9.49 -7.78
CA ILE B 37 -24.77 8.16 -8.26
C ILE B 37 -25.79 8.34 -9.38
N PRO B 38 -25.63 7.58 -10.48
CA PRO B 38 -26.44 7.82 -11.68
C PRO B 38 -27.94 7.68 -11.46
N GLY B 39 -28.35 6.73 -10.62
CA GLY B 39 -29.77 6.55 -10.34
C GLY B 39 -30.46 7.80 -9.79
N LEU B 40 -29.80 8.52 -8.88
CA LEU B 40 -30.40 9.72 -8.32
C LEU B 40 -30.28 10.89 -9.29
N GLU B 41 -29.17 10.98 -10.02
CA GLU B 41 -29.04 12.06 -10.99
C GLU B 41 -30.15 11.98 -12.04
N GLU B 42 -30.47 10.76 -12.47
CA GLU B 42 -31.52 10.55 -13.46
C GLU B 42 -32.87 10.97 -12.89
N ALA B 43 -33.06 10.71 -11.60
CA ALA B 43 -34.30 11.08 -10.93
C ALA B 43 -34.44 12.59 -10.76
N LEU B 44 -33.30 13.27 -10.68
CA LEU B 44 -33.29 14.71 -10.48
C LEU B 44 -33.45 15.51 -11.78
N GLU B 45 -33.06 14.90 -12.89
CA GLU B 45 -33.13 15.58 -14.19
C GLU B 45 -34.53 16.13 -14.47
N GLY B 46 -34.61 17.42 -14.76
CA GLY B 46 -35.88 18.03 -15.12
C GLY B 46 -36.73 18.48 -13.95
N ARG B 47 -36.29 18.20 -12.73
CA ARG B 47 -37.05 18.62 -11.54
C ARG B 47 -37.07 20.13 -11.41
N GLU B 48 -38.16 20.66 -10.85
CA GLU B 48 -38.30 22.09 -10.64
C GLU B 48 -37.79 22.49 -9.26
N GLU B 49 -37.34 23.73 -9.15
CA GLU B 49 -37.06 24.33 -7.86
C GLU B 49 -38.29 24.20 -6.95
N GLY B 50 -38.08 23.64 -5.77
CA GLY B 50 -39.15 23.48 -4.79
C GLY B 50 -39.77 22.10 -4.79
N GLU B 51 -39.48 21.30 -5.82
CA GLU B 51 -40.09 19.99 -5.93
C GLU B 51 -39.52 18.97 -4.94
N ALA B 52 -40.41 18.22 -4.31
CA ALA B 52 -40.01 17.16 -3.39
C ALA B 52 -40.51 15.84 -3.93
N PHE B 53 -39.71 14.80 -3.77
CA PHE B 53 -40.04 13.49 -4.33
C PHE B 53 -39.27 12.37 -3.64
N GLN B 54 -39.71 11.14 -3.90
CA GLN B 54 -39.00 9.97 -3.41
C GLN B 54 -38.40 9.25 -4.62
N ALA B 55 -37.18 8.75 -4.45
CA ALA B 55 -36.56 7.96 -5.50
C ALA B 55 -36.04 6.66 -4.92
N HIS B 56 -36.45 5.56 -5.55
CA HIS B 56 -35.94 4.24 -5.22
C HIS B 56 -34.83 3.90 -6.20
N VAL B 57 -33.59 3.80 -5.72
CA VAL B 57 -32.46 3.54 -6.58
C VAL B 57 -31.89 2.13 -6.35
N PRO B 58 -32.01 1.25 -7.36
CA PRO B 58 -31.47 -0.11 -7.25
C PRO B 58 -29.96 -0.10 -7.12
N ALA B 59 -29.39 -1.12 -6.49
CA ALA B 59 -27.95 -1.18 -6.25
C ALA B 59 -27.15 -0.95 -7.53
N GLU B 60 -27.65 -1.47 -8.65
CA GLU B 60 -26.96 -1.34 -9.92
C GLU B 60 -26.74 0.13 -10.33
N LYS B 61 -27.68 0.99 -9.94
CA LYS B 61 -27.60 2.41 -10.27
C LYS B 61 -27.06 3.23 -9.10
N ALA B 62 -26.56 2.53 -8.08
CA ALA B 62 -25.98 3.19 -6.91
C ALA B 62 -24.55 2.71 -6.70
N TYR B 63 -24.32 1.95 -5.62
CA TYR B 63 -22.95 1.57 -5.29
C TYR B 63 -22.57 0.17 -5.76
N GLY B 64 -23.42 -0.43 -6.60
CA GLY B 64 -23.07 -1.65 -7.29
C GLY B 64 -23.42 -2.92 -6.54
N PRO B 65 -23.16 -4.06 -7.16
CA PRO B 65 -23.48 -5.37 -6.60
C PRO B 65 -22.54 -5.75 -5.48
N HIS B 66 -22.95 -6.74 -4.68
CA HIS B 66 -22.12 -7.25 -3.61
C HIS B 66 -21.34 -8.47 -4.08
N ASP B 67 -20.01 -8.36 -4.10
CA ASP B 67 -19.15 -9.48 -4.51
C ASP B 67 -19.02 -10.52 -3.39
N PRO B 68 -19.41 -11.77 -3.66
CA PRO B 68 -19.35 -12.82 -2.63
C PRO B 68 -17.94 -13.04 -2.09
N GLU B 69 -16.93 -12.88 -2.93
CA GLU B 69 -15.56 -13.13 -2.50
C GLU B 69 -15.05 -12.01 -1.58
N GLY B 70 -15.85 -10.96 -1.43
CA GLY B 70 -15.47 -9.84 -0.59
C GLY B 70 -15.54 -10.16 0.89
N VAL B 71 -16.21 -11.27 1.23
CA VAL B 71 -16.35 -11.65 2.63
C VAL B 71 -15.35 -12.75 2.98
N GLN B 72 -14.40 -12.44 3.85
CA GLN B 72 -13.33 -13.38 4.20
C GLN B 72 -12.97 -13.29 5.67
N VAL B 73 -12.24 -14.29 6.14
CA VAL B 73 -11.72 -14.28 7.51
C VAL B 73 -10.30 -13.71 7.54
N VAL B 74 -10.05 -12.82 8.50
CA VAL B 74 -8.73 -12.25 8.72
C VAL B 74 -8.36 -12.50 10.18
N PRO B 75 -7.12 -12.90 10.45
CA PRO B 75 -6.74 -13.12 11.87
C PRO B 75 -6.77 -11.83 12.67
N LEU B 76 -7.18 -11.91 13.94
CA LEU B 76 -7.25 -10.73 14.80
C LEU B 76 -5.89 -10.04 14.87
N SER B 77 -4.83 -10.84 14.85
CA SER B 77 -3.46 -10.33 14.94
C SER B 77 -3.05 -9.47 13.74
N ALA B 78 -3.84 -9.49 12.68
CA ALA B 78 -3.54 -8.71 11.48
C ALA B 78 -3.98 -7.25 11.63
N PHE B 79 -4.80 -6.99 12.65
CA PHE B 79 -5.28 -5.63 12.90
C PHE B 79 -4.28 -4.88 13.76
N PRO B 80 -4.26 -3.54 13.64
CA PRO B 80 -3.39 -2.70 14.48
C PRO B 80 -3.59 -3.02 15.96
N GLU B 81 -2.51 -3.05 16.72
CA GLU B 81 -2.54 -3.55 18.09
C GLU B 81 -3.50 -2.78 19.01
N ASP B 82 -3.61 -1.48 18.80
CA ASP B 82 -4.47 -0.65 19.64
C ASP B 82 -5.93 -0.70 19.23
N ALA B 83 -6.20 -1.24 18.04
CA ALA B 83 -7.50 -1.08 17.38
C ALA B 83 -8.68 -1.72 18.11
N GLU B 84 -9.82 -1.05 18.04
CA GLU B 84 -11.09 -1.62 18.45
C GLU B 84 -11.65 -2.42 17.29
N VAL B 85 -11.58 -3.74 17.39
CA VAL B 85 -12.08 -4.61 16.32
C VAL B 85 -13.44 -5.16 16.70
N VAL B 86 -14.48 -4.45 16.28
CA VAL B 86 -15.86 -4.81 16.58
C VAL B 86 -16.69 -4.67 15.32
N PRO B 87 -17.86 -5.32 15.27
CA PRO B 87 -18.74 -5.16 14.11
C PRO B 87 -19.00 -3.69 13.76
N GLY B 88 -18.80 -3.35 12.49
CA GLY B 88 -19.03 -2.01 12.00
C GLY B 88 -17.77 -1.20 11.84
N ALA B 89 -16.69 -1.62 12.50
CA ALA B 89 -15.43 -0.88 12.45
C ALA B 89 -14.80 -0.96 11.07
N GLN B 90 -14.29 0.17 10.59
CA GLN B 90 -13.66 0.20 9.28
C GLN B 90 -12.14 0.31 9.41
N PHE B 91 -11.44 -0.41 8.55
CA PHE B 91 -9.99 -0.35 8.49
C PHE B 91 -9.55 -0.30 7.03
N TYR B 92 -8.31 0.12 6.81
CA TYR B 92 -7.80 0.19 5.45
C TYR B 92 -6.55 -0.65 5.29
N ALA B 93 -6.64 -1.66 4.43
CA ALA B 93 -5.46 -2.36 3.97
C ALA B 93 -5.08 -1.78 2.61
N GLN B 94 -4.08 -2.35 1.96
CA GLN B 94 -3.73 -1.98 0.61
C GLN B 94 -3.67 -3.22 -0.27
N ASP B 95 -4.14 -3.11 -1.51
CA ASP B 95 -4.02 -4.23 -2.43
C ASP B 95 -2.60 -4.32 -2.95
N MET B 96 -2.39 -5.21 -3.91
CA MET B 96 -1.04 -5.45 -4.39
C MET B 96 -0.59 -4.46 -5.46
N GLU B 97 -1.40 -3.44 -5.68
CA GLU B 97 -1.02 -2.32 -6.55
C GLU B 97 -0.75 -1.08 -5.73
N GLY B 98 -0.86 -1.20 -4.41
CA GLY B 98 -0.65 -0.09 -3.52
C GLY B 98 -1.87 0.79 -3.35
N ASN B 99 -3.01 0.30 -3.82
CA ASN B 99 -4.27 1.05 -3.71
C ASN B 99 -5.00 0.71 -2.41
N PRO B 100 -5.77 1.68 -1.89
CA PRO B 100 -6.56 1.47 -0.67
C PRO B 100 -7.54 0.31 -0.79
N MET B 101 -7.57 -0.52 0.25
CA MET B 101 -8.46 -1.67 0.30
C MET B 101 -9.23 -1.68 1.60
N PRO B 102 -10.32 -0.90 1.65
CA PRO B 102 -11.10 -0.79 2.88
C PRO B 102 -11.82 -2.08 3.24
N LEU B 103 -11.98 -2.33 4.52
CA LEU B 103 -12.78 -3.46 4.98
C LEU B 103 -13.67 -3.01 6.13
N THR B 104 -14.83 -3.62 6.24
CA THR B 104 -15.69 -3.42 7.39
C THR B 104 -15.73 -4.72 8.17
N VAL B 105 -15.57 -4.64 9.49
CA VAL B 105 -15.68 -5.82 10.34
C VAL B 105 -17.12 -6.29 10.42
N VAL B 106 -17.34 -7.57 10.13
CA VAL B 106 -18.67 -8.17 10.16
C VAL B 106 -18.93 -8.85 11.50
N ALA B 107 -17.96 -9.65 11.93
CA ALA B 107 -18.08 -10.42 13.17
C ALA B 107 -16.72 -10.80 13.71
N VAL B 108 -16.63 -10.98 15.02
CA VAL B 108 -15.42 -11.44 15.66
C VAL B 108 -15.70 -12.69 16.48
N GLU B 109 -15.00 -13.77 16.17
CA GLU B 109 -15.15 -15.02 16.91
C GLU B 109 -13.77 -15.54 17.32
N GLY B 110 -13.37 -15.22 18.55
CA GLY B 110 -12.04 -15.56 19.01
C GLY B 110 -10.99 -14.81 18.22
N GLU B 111 -10.07 -15.56 17.61
CA GLU B 111 -9.01 -14.94 16.82
C GLU B 111 -9.40 -14.77 15.36
N GLU B 112 -10.63 -15.15 15.02
CA GLU B 112 -11.10 -15.07 13.63
C GLU B 112 -12.04 -13.88 13.41
N VAL B 113 -11.62 -12.95 12.58
CA VAL B 113 -12.43 -11.78 12.26
C VAL B 113 -12.97 -11.87 10.84
N THR B 114 -14.29 -11.96 10.71
CA THR B 114 -14.92 -11.94 9.40
C THR B 114 -15.04 -10.50 8.92
N VAL B 115 -14.50 -10.22 7.74
CA VAL B 115 -14.52 -8.87 7.20
C VAL B 115 -15.22 -8.84 5.85
N ASP B 116 -15.62 -7.65 5.41
CA ASP B 116 -16.23 -7.48 4.10
C ASP B 116 -15.48 -6.39 3.35
N PHE B 117 -14.85 -6.76 2.23
CA PHE B 117 -14.12 -5.80 1.40
C PHE B 117 -15.03 -5.00 0.46
N ASN B 118 -16.31 -5.36 0.40
CA ASN B 118 -17.26 -4.60 -0.42
C ASN B 118 -17.51 -3.19 0.12
N HIS B 119 -17.99 -2.32 -0.76
CA HIS B 119 -18.54 -1.04 -0.32
C HIS B 119 -19.67 -1.34 0.66
N PRO B 120 -19.80 -0.53 1.73
CA PRO B 120 -20.82 -0.81 2.75
C PRO B 120 -22.26 -0.83 2.23
N LEU B 121 -22.50 -0.19 1.08
CA LEU B 121 -23.83 -0.17 0.47
C LEU B 121 -23.93 -1.05 -0.78
N ALA B 122 -22.90 -1.85 -1.04
CA ALA B 122 -22.95 -2.78 -2.17
C ALA B 122 -24.12 -3.73 -2.01
N GLY B 123 -24.90 -3.91 -3.07
CA GLY B 123 -26.01 -4.84 -3.04
C GLY B 123 -27.26 -4.28 -2.40
N LYS B 124 -27.19 -3.04 -1.91
CA LYS B 124 -28.32 -2.41 -1.24
C LYS B 124 -29.10 -1.48 -2.18
N ASP B 125 -30.42 -1.59 -2.12
CA ASP B 125 -31.29 -0.65 -2.83
C ASP B 125 -31.51 0.58 -1.94
N LEU B 126 -31.38 1.76 -2.54
CA LEU B 126 -31.42 3.00 -1.78
C LEU B 126 -32.74 3.73 -1.91
N ASP B 127 -33.27 4.21 -0.78
CA ASP B 127 -34.50 5.00 -0.79
C ASP B 127 -34.19 6.42 -0.37
N PHE B 128 -34.31 7.36 -1.30
CA PHE B 128 -34.07 8.77 -1.01
C PHE B 128 -35.36 9.56 -0.92
N GLN B 129 -35.43 10.45 0.07
CA GLN B 129 -36.46 11.48 0.08
C GLN B 129 -35.74 12.78 -0.23
N VAL B 130 -36.12 13.43 -1.33
CA VAL B 130 -35.37 14.57 -1.85
C VAL B 130 -36.21 15.83 -2.01
N GLU B 131 -35.65 16.98 -1.60
CA GLU B 131 -36.25 18.28 -1.86
C GLU B 131 -35.28 19.13 -2.68
N VAL B 132 -35.71 19.61 -3.84
CA VAL B 132 -34.89 20.51 -4.64
C VAL B 132 -35.05 21.92 -4.08
N VAL B 133 -33.99 22.43 -3.47
CA VAL B 133 -34.03 23.73 -2.81
C VAL B 133 -33.77 24.90 -3.76
N LYS B 134 -32.78 24.74 -4.62
CA LYS B 134 -32.32 25.82 -5.47
C LYS B 134 -31.69 25.24 -6.73
N VAL B 135 -31.91 25.92 -7.85
CA VAL B 135 -31.23 25.57 -9.09
C VAL B 135 -30.70 26.87 -9.68
N ARG B 136 -29.42 26.88 -10.04
CA ARG B 136 -28.82 28.05 -10.69
C ARG B 136 -27.81 27.61 -11.74
N GLU B 137 -27.40 28.56 -12.59
CA GLU B 137 -26.36 28.26 -13.56
C GLU B 137 -25.03 28.13 -12.85
N ALA B 138 -24.18 27.24 -13.35
CA ALA B 138 -22.82 27.13 -12.84
C ALA B 138 -22.01 28.36 -13.21
N THR B 139 -21.04 28.70 -12.36
CA THR B 139 -20.08 29.75 -12.67
C THR B 139 -18.96 29.18 -13.55
N PRO B 140 -18.19 30.05 -14.21
CA PRO B 140 -17.02 29.56 -14.94
C PRO B 140 -16.07 28.74 -14.05
N GLU B 141 -15.87 29.17 -12.80
CA GLU B 141 -15.03 28.42 -11.86
C GLU B 141 -15.51 26.99 -11.72
N GLU B 142 -16.82 26.83 -11.58
CA GLU B 142 -17.40 25.52 -11.34
C GLU B 142 -17.28 24.62 -12.56
N LEU B 143 -17.49 25.18 -13.75
CA LEU B 143 -17.37 24.41 -14.98
C LEU B 143 -15.93 24.00 -15.23
N LEU B 144 -14.98 24.88 -14.90
CA LEU B 144 -13.57 24.56 -15.10
C LEU B 144 -13.07 23.50 -14.12
N HIS B 145 -13.61 23.53 -12.89
CA HIS B 145 -13.18 22.60 -11.85
C HIS B 145 -13.92 21.29 -11.96
N GLY B 146 -15.18 21.37 -12.38
CA GLY B 146 -16.04 20.19 -12.49
C GLY B 146 -16.86 19.92 -11.25
N HIS B 147 -16.89 20.86 -10.31
CA HIS B 147 -17.65 20.68 -9.07
C HIS B 147 -18.28 22.00 -8.66
N ALA B 148 -19.35 21.91 -7.88
CA ALA B 148 -19.96 23.11 -7.29
C ALA B 148 -19.08 23.71 -6.21
N HIS B 149 -19.13 25.04 -6.10
CA HIS B 149 -18.39 25.83 -5.10
C HIS B 149 -17.03 25.24 -4.70
N PRO B 150 -16.14 25.04 -5.67
CA PRO B 150 -14.89 24.30 -5.42
C PRO B 150 -13.88 25.06 -4.56
N SER B 151 -14.05 26.38 -4.41
CA SER B 151 -13.17 27.13 -3.51
C SER B 151 -13.97 27.72 -2.35
N GLY B 152 -15.18 27.23 -2.14
CA GLY B 152 -15.98 27.64 -1.00
C GLY B 152 -17.02 28.67 -1.36
N HIS B 153 -17.74 29.13 -0.34
CA HIS B 153 -18.84 30.07 -0.55
C HIS B 153 -18.37 31.51 -0.30
N HIS B 154 -17.19 31.63 0.29
CA HIS B 154 -16.57 32.93 0.57
C HIS B 154 -17.50 33.87 1.33
N HIS B 155 -17.88 33.46 2.55
CA HIS B 155 -18.77 34.27 3.38
C HIS B 155 -18.03 34.88 4.55
N MET C 1 28.71 -6.72 -10.20
CA MET C 1 27.89 -6.26 -11.32
C MET C 1 27.52 -4.80 -11.21
N LYS C 2 27.24 -4.19 -12.35
CA LYS C 2 26.76 -2.81 -12.39
C LYS C 2 25.23 -2.81 -12.53
N VAL C 3 24.60 -1.79 -11.96
CA VAL C 3 23.17 -1.61 -12.14
C VAL C 3 22.90 -1.29 -13.60
N GLY C 4 21.95 -2.01 -14.19
CA GLY C 4 21.58 -1.80 -15.57
C GLY C 4 20.38 -2.65 -15.95
N GLN C 5 20.03 -2.62 -17.23
CA GLN C 5 18.86 -3.32 -17.74
C GLN C 5 18.81 -4.78 -17.32
N ASP C 6 17.65 -5.20 -16.80
CA ASP C 6 17.38 -6.58 -16.43
C ASP C 6 18.21 -7.10 -15.25
N LYS C 7 18.78 -6.17 -14.47
CA LYS C 7 19.40 -6.54 -13.20
C LYS C 7 18.37 -6.38 -12.07
N VAL C 8 18.41 -7.27 -11.10
CA VAL C 8 17.63 -7.07 -9.87
C VAL C 8 18.54 -6.43 -8.83
N VAL C 9 18.14 -5.27 -8.36
CA VAL C 9 18.98 -4.44 -7.51
C VAL C 9 18.36 -4.28 -6.12
N THR C 10 19.16 -4.50 -5.10
CA THR C 10 18.72 -4.32 -3.73
C THR C 10 19.38 -3.09 -3.12
N ILE C 11 18.56 -2.19 -2.57
CA ILE C 11 19.07 -0.94 -2.05
C ILE C 11 18.57 -0.62 -0.65
N ARG C 12 19.35 0.20 0.04
CA ARG C 12 18.88 0.88 1.25
CA ARG C 12 18.88 0.88 1.25
C ARG C 12 18.63 2.33 0.88
N TYR C 13 17.48 2.86 1.27
CA TYR C 13 17.16 4.22 0.87
C TYR C 13 16.59 5.05 2.02
N THR C 14 16.85 6.35 1.96
CA THR C 14 16.21 7.30 2.84
C THR C 14 15.63 8.43 1.99
N LEU C 15 14.35 8.73 2.19
CA LEU C 15 13.68 9.77 1.43
C LEU C 15 13.44 11.02 2.27
N GLN C 16 13.94 12.15 1.79
CA GLN C 16 13.71 13.43 2.45
C GLN C 16 12.88 14.35 1.54
N VAL C 17 11.83 14.93 2.09
CA VAL C 17 10.97 15.80 1.31
C VAL C 17 10.75 17.14 2.02
N GLU C 18 10.98 18.23 1.29
CA GLU C 18 10.92 19.58 1.83
C GLU C 18 11.73 19.69 3.12
N GLY C 19 12.98 19.24 3.03
CA GLY C 19 13.93 19.34 4.12
C GLY C 19 13.76 18.30 5.21
N GLU C 20 12.91 17.31 4.98
CA GLU C 20 12.52 16.39 6.04
C GLU C 20 12.32 14.95 5.57
N VAL C 21 12.76 14.01 6.40
CA VAL C 21 12.66 12.59 6.07
C VAL C 21 11.23 12.09 6.19
N LEU C 22 10.74 11.48 5.11
CA LEU C 22 9.38 10.92 5.09
C LEU C 22 9.41 9.40 5.11
N ASP C 23 10.50 8.83 4.59
CA ASP C 23 10.57 7.38 4.47
C ASP C 23 12.01 6.88 4.42
N GLN C 24 12.24 5.71 5.00
CA GLN C 24 13.52 5.03 4.91
C GLN C 24 13.32 3.53 5.05
N GLY C 25 14.09 2.75 4.30
CA GLY C 25 13.95 1.30 4.35
C GLY C 25 14.74 0.57 3.28
N GLU C 26 14.22 -0.59 2.88
CA GLU C 26 14.91 -1.46 1.92
C GLU C 26 14.01 -1.80 0.74
N LEU C 27 14.62 -2.14 -0.38
CA LEU C 27 13.87 -2.44 -1.59
C LEU C 27 14.71 -3.27 -2.57
N SER C 28 14.10 -4.32 -3.11
CA SER C 28 14.68 -5.03 -4.24
C SER C 28 13.77 -4.80 -5.44
N TYR C 29 14.35 -4.33 -6.54
CA TYR C 29 13.55 -3.97 -7.71
C TYR C 29 14.24 -4.44 -9.00
N LEU C 30 13.45 -4.62 -10.05
CA LEU C 30 13.97 -4.95 -11.37
C LEU C 30 14.25 -3.68 -12.16
N HIS C 31 15.51 -3.49 -12.53
CA HIS C 31 15.94 -2.28 -13.22
C HIS C 31 15.65 -2.35 -14.72
N GLY C 32 15.22 -1.24 -15.29
CA GLY C 32 14.97 -1.17 -16.73
C GLY C 32 13.55 -1.54 -17.13
N HIS C 33 12.63 -1.52 -16.17
CA HIS C 33 11.26 -1.93 -16.45
C HIS C 33 10.24 -0.97 -15.84
N ARG C 34 10.66 0.29 -15.66
CA ARG C 34 9.78 1.36 -15.16
C ARG C 34 9.19 1.03 -13.79
N ASN C 35 9.95 0.32 -12.97
CA ASN C 35 9.47 -0.03 -11.63
C ASN C 35 9.59 1.14 -10.66
N LEU C 36 10.60 1.98 -10.87
CA LEU C 36 10.83 3.14 -10.02
C LEU C 36 10.43 4.43 -10.71
N ILE C 37 10.35 5.51 -9.94
CA ILE C 37 10.22 6.84 -10.51
C ILE C 37 11.42 7.02 -11.44
N PRO C 38 11.16 7.50 -12.68
CA PRO C 38 12.18 7.54 -13.73
C PRO C 38 13.44 8.29 -13.30
N GLY C 39 13.29 9.27 -12.42
CA GLY C 39 14.42 10.04 -11.92
C GLY C 39 15.45 9.20 -11.18
N LEU C 40 14.99 8.42 -10.19
CA LEU C 40 15.91 7.62 -9.39
C LEU C 40 16.46 6.45 -10.17
N GLU C 41 15.69 5.98 -11.15
CA GLU C 41 16.14 4.94 -12.06
C GLU C 41 17.34 5.43 -12.86
N GLU C 42 17.25 6.66 -13.37
CA GLU C 42 18.33 7.27 -14.13
C GLU C 42 19.58 7.44 -13.27
N ALA C 43 19.37 7.79 -12.00
CA ALA C 43 20.48 7.98 -11.07
C ALA C 43 21.20 6.67 -10.76
N LEU C 44 20.44 5.57 -10.74
CA LEU C 44 21.00 4.26 -10.39
C LEU C 44 21.68 3.56 -11.56
N GLU C 45 21.32 3.93 -12.78
CA GLU C 45 21.86 3.28 -13.98
C GLU C 45 23.39 3.42 -14.06
N GLY C 46 24.08 2.30 -13.91
CA GLY C 46 25.53 2.28 -14.02
C GLY C 46 26.25 2.11 -12.71
N ARG C 47 25.54 2.29 -11.60
CA ARG C 47 26.12 2.16 -10.27
C ARG C 47 26.66 0.76 -10.02
N GLU C 48 27.77 0.67 -9.30
CA GLU C 48 28.35 -0.62 -8.96
C GLU C 48 27.86 -1.07 -7.59
N GLU C 49 27.90 -2.38 -7.37
CA GLU C 49 27.48 -2.96 -6.10
C GLU C 49 28.34 -2.42 -4.95
N GLY C 50 27.68 -1.84 -3.95
CA GLY C 50 28.38 -1.26 -2.82
C GLY C 50 28.41 0.25 -2.84
N GLU C 51 28.17 0.83 -4.02
CA GLU C 51 28.29 2.27 -4.20
C GLU C 51 27.14 3.05 -3.57
N ALA C 52 27.48 4.02 -2.72
CA ALA C 52 26.49 4.90 -2.11
C ALA C 52 26.51 6.27 -2.78
N PHE C 53 25.37 6.95 -2.80
CA PHE C 53 25.26 8.24 -3.46
C PHE C 53 24.02 9.00 -3.02
N GLN C 54 23.94 10.26 -3.44
CA GLN C 54 22.74 11.07 -3.22
C GLN C 54 22.13 11.45 -4.56
N ALA C 55 20.82 11.70 -4.56
CA ALA C 55 20.12 12.01 -5.80
C ALA C 55 19.02 13.05 -5.60
N HIS C 56 18.95 13.99 -6.53
CA HIS C 56 17.87 14.97 -6.56
C HIS C 56 16.93 14.66 -7.71
N VAL C 57 15.66 14.45 -7.40
CA VAL C 57 14.68 14.10 -8.43
C VAL C 57 13.54 15.11 -8.47
N PRO C 58 13.57 16.01 -9.46
CA PRO C 58 12.47 16.97 -9.68
C PRO C 58 11.14 16.26 -9.90
N ALA C 59 10.04 16.93 -9.55
CA ALA C 59 8.71 16.32 -9.61
C ALA C 59 8.40 15.75 -10.99
N GLU C 60 8.90 16.42 -12.02
CA GLU C 60 8.73 15.97 -13.40
C GLU C 60 9.34 14.59 -13.61
N LYS C 61 10.37 14.26 -12.83
CA LYS C 61 11.02 12.96 -12.92
C LYS C 61 10.50 12.01 -11.84
N ALA C 62 9.49 12.45 -11.09
CA ALA C 62 8.99 11.65 -9.98
C ALA C 62 7.47 11.46 -10.06
N TYR C 63 6.75 12.01 -9.10
CA TYR C 63 5.33 11.76 -8.99
C TYR C 63 4.49 12.80 -9.75
N GLY C 64 5.12 13.48 -10.69
CA GLY C 64 4.41 14.36 -11.60
C GLY C 64 4.12 15.73 -11.03
N PRO C 65 3.25 16.49 -11.71
CA PRO C 65 2.86 17.85 -11.30
C PRO C 65 1.66 17.88 -10.37
N HIS C 66 1.54 18.96 -9.60
CA HIS C 66 0.41 19.18 -8.72
C HIS C 66 -0.76 19.81 -9.49
N ASP C 67 -1.89 19.12 -9.54
CA ASP C 67 -3.07 19.62 -10.26
C ASP C 67 -3.95 20.46 -9.35
N PRO C 68 -4.21 21.71 -9.74
CA PRO C 68 -5.05 22.61 -8.96
C PRO C 68 -6.48 22.11 -8.84
N GLU C 69 -6.95 21.36 -9.84
CA GLU C 69 -8.28 20.77 -9.78
C GLU C 69 -8.35 19.65 -8.75
N GLY C 70 -7.19 19.26 -8.21
CA GLY C 70 -7.12 18.25 -7.17
C GLY C 70 -7.34 18.81 -5.77
N VAL C 71 -7.32 20.13 -5.66
CA VAL C 71 -7.64 20.80 -4.40
C VAL C 71 -9.09 21.26 -4.45
N GLN C 72 -9.84 21.03 -3.36
CA GLN C 72 -11.25 21.35 -3.37
C GLN C 72 -11.72 21.71 -1.97
N VAL C 73 -12.66 22.63 -1.88
CA VAL C 73 -13.27 22.97 -0.60
C VAL C 73 -14.60 22.24 -0.43
N VAL C 74 -14.73 21.51 0.67
CA VAL C 74 -15.95 20.76 0.95
C VAL C 74 -16.51 21.18 2.32
N PRO C 75 -17.81 20.96 2.55
CA PRO C 75 -18.35 21.38 3.86
C PRO C 75 -17.87 20.48 5.00
N LEU C 76 -17.67 21.06 6.18
CA LEU C 76 -17.25 20.30 7.35
C LEU C 76 -18.26 19.19 7.67
N SER C 77 -19.52 19.43 7.32
CA SER C 77 -20.59 18.46 7.54
C SER C 77 -20.41 17.17 6.73
N ALA C 78 -19.46 17.16 5.79
CA ALA C 78 -19.22 15.96 5.00
C ALA C 78 -18.49 14.90 5.83
N PHE C 79 -17.85 15.35 6.90
CA PHE C 79 -17.11 14.46 7.78
C PHE C 79 -17.96 14.08 8.99
N PRO C 80 -17.68 12.94 9.61
CA PRO C 80 -18.42 12.53 10.80
C PRO C 80 -18.37 13.59 11.90
N GLU C 81 -19.45 13.70 12.68
CA GLU C 81 -19.56 14.73 13.70
C GLU C 81 -18.45 14.61 14.74
N ASP C 82 -17.97 13.38 14.94
CA ASP C 82 -16.94 13.12 15.94
C ASP C 82 -15.56 12.96 15.32
N ALA C 83 -15.42 13.34 14.05
CA ALA C 83 -14.15 13.21 13.34
C ALA C 83 -13.21 14.36 13.69
N GLU C 84 -11.92 14.07 13.74
CA GLU C 84 -10.93 15.12 13.92
C GLU C 84 -10.51 15.63 12.54
N VAL C 85 -11.08 16.76 12.15
CA VAL C 85 -10.79 17.36 10.85
C VAL C 85 -9.80 18.50 11.04
N VAL C 86 -8.52 18.17 10.91
CA VAL C 86 -7.44 19.12 11.12
C VAL C 86 -6.45 18.98 9.96
N PRO C 87 -5.63 20.03 9.72
CA PRO C 87 -4.62 19.90 8.66
C PRO C 87 -3.74 18.67 8.84
N GLY C 88 -3.57 17.90 7.77
CA GLY C 88 -2.78 16.69 7.81
C GLY C 88 -3.59 15.42 7.91
N ALA C 89 -4.82 15.55 8.42
CA ALA C 89 -5.70 14.40 8.59
C ALA C 89 -6.01 13.74 7.25
N GLN C 90 -6.02 12.42 7.23
CA GLN C 90 -6.22 11.67 5.99
C GLN C 90 -7.59 11.00 5.98
N PHE C 91 -8.28 11.11 4.84
CA PHE C 91 -9.56 10.46 4.64
C PHE C 91 -9.58 9.84 3.25
N TYR C 92 -10.70 9.23 2.88
CA TYR C 92 -10.83 8.61 1.56
C TYR C 92 -12.15 8.97 0.90
N ALA C 93 -12.12 9.07 -0.41
CA ALA C 93 -13.33 9.26 -1.21
C ALA C 93 -13.26 8.39 -2.46
N GLN C 94 -14.40 8.14 -3.10
CA GLN C 94 -14.42 7.28 -4.27
C GLN C 94 -14.05 8.03 -5.54
N ASP C 95 -13.24 7.41 -6.38
CA ASP C 95 -12.93 7.99 -7.69
C ASP C 95 -14.00 7.61 -8.71
N MET C 96 -13.78 7.97 -9.96
CA MET C 96 -14.80 7.78 -10.98
C MET C 96 -14.97 6.32 -11.41
N GLU C 97 -14.10 5.44 -10.91
CA GLU C 97 -14.25 4.02 -11.16
C GLU C 97 -14.83 3.30 -9.95
N GLY C 98 -15.16 4.07 -8.92
CA GLY C 98 -15.76 3.51 -7.71
C GLY C 98 -14.74 3.06 -6.68
N ASN C 99 -13.47 3.32 -6.95
CA ASN C 99 -12.41 2.92 -6.02
C ASN C 99 -12.05 4.04 -5.03
N PRO C 100 -11.79 3.65 -3.77
CA PRO C 100 -11.39 4.65 -2.76
C PRO C 100 -10.07 5.31 -3.13
N MET C 101 -10.01 6.62 -3.01
CA MET C 101 -8.79 7.39 -3.27
C MET C 101 -8.48 8.22 -2.03
N PRO C 102 -7.18 8.38 -1.71
CA PRO C 102 -6.82 9.13 -0.50
C PRO C 102 -6.97 10.64 -0.69
N LEU C 103 -7.34 11.33 0.38
CA LEU C 103 -7.31 12.79 0.41
C LEU C 103 -6.71 13.26 1.71
N THR C 104 -6.07 14.43 1.68
CA THR C 104 -5.49 15.03 2.88
C THR C 104 -6.13 16.39 3.14
N VAL C 105 -6.49 16.65 4.40
CA VAL C 105 -7.01 17.96 4.79
C VAL C 105 -5.89 18.99 4.77
N VAL C 106 -6.12 20.09 4.07
CA VAL C 106 -5.11 21.14 3.97
C VAL C 106 -5.39 22.28 4.94
N ALA C 107 -6.65 22.69 5.03
CA ALA C 107 -7.03 23.79 5.89
C ALA C 107 -8.48 23.67 6.34
N VAL C 108 -8.77 24.21 7.52
CA VAL C 108 -10.14 24.30 8.02
C VAL C 108 -10.44 25.73 8.46
N GLU C 109 -11.45 26.32 7.86
CA GLU C 109 -11.90 27.66 8.25
C GLU C 109 -13.42 27.64 8.38
N GLY C 110 -13.90 27.65 9.63
CA GLY C 110 -15.32 27.57 9.88
C GLY C 110 -15.89 26.26 9.38
N GLU C 111 -16.91 26.34 8.54
CA GLU C 111 -17.56 25.15 8.02
C GLU C 111 -16.95 24.69 6.69
N GLU C 112 -15.83 25.29 6.30
CA GLU C 112 -15.20 24.95 5.02
C GLU C 112 -13.89 24.21 5.20
N VAL C 113 -13.81 23.02 4.60
CA VAL C 113 -12.61 22.21 4.68
C VAL C 113 -11.91 22.10 3.34
N THR C 114 -10.67 22.56 3.26
CA THR C 114 -9.90 22.42 2.03
C THR C 114 -9.17 21.08 2.01
N VAL C 115 -9.44 20.28 0.98
CA VAL C 115 -8.83 18.96 0.86
C VAL C 115 -8.00 18.86 -0.42
N ASP C 116 -7.07 17.90 -0.44
CA ASP C 116 -6.20 17.73 -1.60
C ASP C 116 -6.19 16.26 -2.02
N PHE C 117 -6.57 16.02 -3.28
CA PHE C 117 -6.62 14.65 -3.82
C PHE C 117 -5.35 14.27 -4.57
N ASN C 118 -4.44 15.23 -4.73
CA ASN C 118 -3.15 14.95 -5.35
C ASN C 118 -2.35 13.93 -4.55
N HIS C 119 -1.46 13.23 -5.23
CA HIS C 119 -0.45 12.42 -4.55
C HIS C 119 0.25 13.32 -3.55
N PRO C 120 0.47 12.83 -2.32
CA PRO C 120 1.09 13.64 -1.27
C PRO C 120 2.46 14.23 -1.66
N LEU C 121 3.07 13.70 -2.71
CA LEU C 121 4.34 14.21 -3.22
C LEU C 121 4.21 14.85 -4.60
N ALA C 122 2.99 15.16 -5.01
CA ALA C 122 2.72 15.60 -6.38
C ALA C 122 3.34 16.95 -6.74
N GLY C 123 3.58 17.80 -5.75
CA GLY C 123 4.13 19.11 -6.06
C GLY C 123 5.60 19.25 -5.74
N LYS C 124 6.27 18.13 -5.46
CA LYS C 124 7.56 18.21 -4.79
C LYS C 124 8.74 17.53 -5.49
N ASP C 125 9.90 18.16 -5.36
CA ASP C 125 11.16 17.55 -5.76
C ASP C 125 11.62 16.65 -4.62
N LEU C 126 12.20 15.50 -4.95
CA LEU C 126 12.62 14.54 -3.93
C LEU C 126 14.13 14.52 -3.76
N ASP C 127 14.58 14.11 -2.58
CA ASP C 127 16.01 13.97 -2.31
C ASP C 127 16.32 12.61 -1.71
N PHE C 128 17.08 11.81 -2.44
CA PHE C 128 17.37 10.44 -2.02
C PHE C 128 18.82 10.20 -1.63
N GLN C 129 19.01 9.51 -0.52
CA GLN C 129 20.28 8.89 -0.19
C GLN C 129 20.13 7.40 -0.42
N VAL C 130 21.03 6.81 -1.19
CA VAL C 130 20.88 5.41 -1.60
C VAL C 130 22.17 4.60 -1.43
N GLU C 131 22.03 3.41 -0.84
CA GLU C 131 23.10 2.42 -0.80
C GLU C 131 22.79 1.27 -1.75
N VAL C 132 23.63 1.04 -2.74
CA VAL C 132 23.48 -0.13 -3.60
C VAL C 132 24.07 -1.35 -2.89
N VAL C 133 23.21 -2.21 -2.36
CA VAL C 133 23.65 -3.32 -1.54
C VAL C 133 23.95 -4.60 -2.33
N LYS C 134 23.08 -4.94 -3.26
CA LYS C 134 23.23 -6.18 -4.02
C LYS C 134 22.77 -6.03 -5.46
N VAL C 135 23.52 -6.60 -6.39
CA VAL C 135 23.13 -6.59 -7.79
C VAL C 135 23.28 -7.99 -8.38
N ARG C 136 22.20 -8.49 -8.97
CA ARG C 136 22.22 -9.80 -9.62
C ARG C 136 21.44 -9.73 -10.91
N GLU C 137 21.57 -10.76 -11.74
CA GLU C 137 20.76 -10.86 -12.94
C GLU C 137 19.34 -11.30 -12.58
N ALA C 138 18.37 -10.74 -13.28
CA ALA C 138 16.99 -11.20 -13.14
C ALA C 138 16.85 -12.58 -13.76
N THR C 139 15.98 -13.39 -13.16
CA THR C 139 15.65 -14.70 -13.70
C THR C 139 14.75 -14.52 -14.92
N PRO C 140 14.66 -15.56 -15.78
CA PRO C 140 13.70 -15.52 -16.88
C PRO C 140 12.28 -15.20 -16.41
N GLU C 141 11.90 -15.73 -15.26
CA GLU C 141 10.56 -15.51 -14.72
C GLU C 141 10.34 -14.04 -14.34
N GLU C 142 11.32 -13.44 -13.69
CA GLU C 142 11.23 -12.04 -13.28
C GLU C 142 11.11 -11.11 -14.48
N LEU C 143 11.84 -11.41 -15.55
CA LEU C 143 11.76 -10.63 -16.78
C LEU C 143 10.38 -10.76 -17.42
N LEU C 144 9.83 -11.96 -17.38
CA LEU C 144 8.50 -12.24 -17.93
C LEU C 144 7.43 -11.44 -17.19
N HIS C 145 7.59 -11.35 -15.87
CA HIS C 145 6.61 -10.66 -15.03
C HIS C 145 6.83 -9.15 -15.01
N GLY C 146 8.09 -8.74 -15.20
CA GLY C 146 8.44 -7.34 -15.18
C GLY C 146 8.68 -6.81 -13.78
N HIS C 147 8.85 -7.72 -12.82
CA HIS C 147 9.10 -7.36 -11.43
C HIS C 147 10.07 -8.33 -10.75
N ALA C 148 10.78 -7.83 -9.74
CA ALA C 148 11.65 -8.66 -8.92
C ALA C 148 10.83 -9.50 -7.96
N HIS C 149 11.35 -10.66 -7.58
CA HIS C 149 10.78 -11.44 -6.48
C HIS C 149 10.76 -10.58 -5.22
N PRO C 150 9.67 -10.66 -4.44
CA PRO C 150 9.51 -9.87 -3.21
C PRO C 150 10.47 -10.29 -2.09
N SER C 151 10.57 -9.43 -1.08
CA SER C 151 11.38 -9.70 0.12
C SER C 151 10.78 -8.96 1.31
N GLY C 152 11.08 -9.44 2.52
CA GLY C 152 10.63 -8.77 3.73
C GLY C 152 9.45 -9.44 4.41
N HIS C 153 9.39 -10.76 4.30
CA HIS C 153 8.28 -11.53 4.86
C HIS C 153 8.30 -11.51 6.39
MG MG D . -15.95 -17.39 0.21
MG MG E . 42.76 -16.92 4.01
MG MG F . 35.37 -6.19 20.52
CL CL G . 25.61 -6.32 8.33
C1 FK5 H . 21.04 -14.61 6.40
C2 FK5 H . 21.21 -15.99 5.78
C3 FK5 H . 22.55 -16.58 6.25
C4 FK5 H . 23.72 -15.90 5.52
C5 FK5 H . 23.57 -16.05 4.01
C6 FK5 H . 22.26 -15.46 3.57
C8 FK5 H . 20.14 -16.74 3.72
C9 FK5 H . 20.16 -16.85 2.20
C10 FK5 H . 19.24 -15.90 1.41
C11 FK5 H . 17.87 -15.68 2.08
C12 FK5 H . 17.16 -14.67 1.24
C13 FK5 H . 17.92 -13.36 1.32
C14 FK5 H . 19.34 -13.57 0.72
C15 FK5 H . 20.27 -12.37 1.04
C16 FK5 H . 19.64 -10.98 0.81
C17 FK5 H . 19.98 -10.30 -0.54
C18 FK5 H . 19.87 -8.78 -0.40
C19 FK5 H . 20.38 -8.27 0.91
C20 FK5 H . 19.56 -7.58 1.67
C21 FK5 H . 19.93 -7.15 3.04
C22 FK5 H . 19.83 -8.35 3.95
C23 FK5 H . 21.10 -8.72 4.64
C24 FK5 H . 20.75 -9.76 5.71
C25 FK5 H . 20.98 -11.20 5.20
C26 FK5 H . 20.61 -12.27 6.23
C27 FK5 H . 19.18 -12.13 6.68
C28 FK5 H . 18.93 -11.89 7.96
C29 FK5 H . 17.56 -11.71 8.53
C30 FK5 H . 17.33 -12.75 9.63
C31 FK5 H . 15.97 -12.48 10.29
C32 FK5 H . 16.00 -11.08 10.89
C33 FK5 H . 16.09 -10.09 9.74
C34 FK5 H . 17.44 -10.29 9.06
C35 FK5 H . 17.07 -16.96 2.03
C36 FK5 H . 19.09 -10.68 -1.69
C37 FK5 H . 21.86 -8.27 1.11
C38 FK5 H . 18.92 -6.11 3.55
C39 FK5 H . 19.42 -4.74 3.20
C40 FK5 H . 19.00 -4.13 2.11
C41 FK5 H . 22.47 -11.34 4.86
C42 FK5 H . 18.12 -12.39 5.66
C43 FK5 H . 16.21 -11.82 1.24
C44 FK5 H . 22.57 -12.41 1.00
C45 FK5 H . 15.23 -14.55 10.94
N7 FK5 H . 21.14 -16.07 4.32
O1 FK5 H . 20.82 -13.56 5.61
O2 FK5 H . 21.07 -14.47 7.63
O3 FK5 H . 19.25 -17.26 4.39
O4 FK5 H . 20.89 -17.63 1.65
O5 FK5 H . 19.98 -14.70 1.29
O6 FK5 H . 19.08 -16.40 0.11
O7 FK5 H . 17.19 -12.47 0.48
O8 FK5 H . 21.40 -12.48 0.21
O9 FK5 H . 18.83 -8.97 4.08
O10 FK5 H . 21.55 -9.50 6.84
O11 FK5 H . 15.87 -13.37 11.37
O12 FK5 H . 14.79 -10.95 11.58
CL CL I . -20.27 18.83 -7.32
C1 BTB J . -14.41 12.39 -4.62
O1 BTB J . -15.50 11.56 -4.26
C2 BTB J . -14.87 13.61 -5.46
C3 BTB J . -16.16 14.19 -4.87
O3 BTB J . -15.88 14.87 -3.67
C4 BTB J . -13.78 14.67 -5.39
O4 BTB J . -14.17 15.80 -6.15
N BTB J . -15.05 13.25 -6.88
C5 BTB J . -16.20 12.39 -7.11
C6 BTB J . -17.30 13.09 -7.95
O6 BTB J . -16.78 14.22 -8.63
C7 BTB J . -13.84 12.61 -7.39
C8 BTB J . -13.61 12.99 -8.84
O8 BTB J . -13.60 14.39 -8.98
C1 FK5 K . -24.30 10.84 -3.98
C2 FK5 K . -25.53 10.35 -3.24
C3 FK5 K . -26.75 11.14 -3.75
C4 FK5 K . -26.74 12.57 -3.20
C5 FK5 K . -26.76 12.55 -1.67
C6 FK5 K . -25.54 11.79 -1.17
C8 FK5 K . -25.50 9.30 -1.01
C9 FK5 K . -25.56 9.44 0.48
C10 FK5 K . -24.24 9.34 1.24
C11 FK5 K . -23.23 8.38 0.58
C12 FK5 K . -21.82 8.58 1.20
C13 FK5 K . -21.47 10.07 1.18
C14 FK5 K . -22.57 10.82 1.96
C15 FK5 K . -22.29 12.34 2.06
C16 FK5 K . -21.86 12.94 0.73
C17 FK5 K . -22.01 14.47 0.66
C18 FK5 K . -20.78 15.12 1.32
C19 FK5 K . -19.66 15.32 0.35
C20 FK5 K . -18.73 14.38 0.25
C21 FK5 K . -17.79 14.31 -0.90
C22 FK5 K . -18.39 13.44 -1.98
C23 FK5 K . -19.17 14.22 -3.03
C24 FK5 K . -19.99 13.26 -3.93
C25 FK5 K . -21.33 12.76 -3.25
C26 FK5 K . -22.04 11.63 -4.03
C27 FK5 K . -21.14 10.45 -4.28
C28 FK5 K . -20.82 10.15 -5.53
C29 FK5 K . -19.87 9.06 -5.95
C30 FK5 K . -20.64 7.89 -6.59
C31 FK5 K . -19.60 6.82 -7.06
C32 FK5 K . -18.66 7.46 -8.09
C33 FK5 K . -17.88 8.54 -7.37
C34 FK5 K . -18.85 9.64 -6.91
C35 FK5 K . -23.66 6.94 0.81
C36 FK5 K . -23.24 15.03 1.35
C37 FK5 K . -19.65 16.57 -0.42
C38 FK5 K . -16.49 13.65 -0.45
C39 FK5 K . -15.85 14.47 0.63
C40 FK5 K . -14.61 14.88 0.52
C41 FK5 K . -22.28 13.95 -3.15
C42 FK5 K . -20.65 9.70 -3.08
C43 FK5 K . -19.19 10.02 0.92
C44 FK5 K . -21.93 12.77 4.29
C45 FK5 K . -20.42 4.68 -6.97
N7 FK5 K . -25.51 10.43 -1.77
O1 FK5 K . -23.23 11.26 -3.28
O2 FK5 K . -24.21 10.72 -5.20
O3 FK5 K . -25.51 8.19 -1.55
O4 FK5 K . -26.58 9.65 1.05
O5 FK5 K . -23.76 10.66 1.26
O6 FK5 K . -24.53 8.99 2.57
O7 FK5 K . -20.23 10.23 1.85
O8 FK5 K . -21.29 12.61 3.05
O9 FK5 K . -18.28 12.26 -1.99
O10 FK5 K . -20.28 13.94 -5.12
O11 FK5 K . -20.34 5.85 -7.76
O12 FK5 K . -17.81 6.41 -8.53
MG MG L . -22.41 14.94 7.97
CL CL M . 10.37 -4.80 -9.16
C1 GOL N . -15.33 11.79 4.96
O1 GOL N . -15.90 11.24 6.08
C2 GOL N . -15.37 10.81 3.84
O2 GOL N . -16.65 10.30 3.76
C3 GOL N . -15.04 11.50 2.57
O3 GOL N . -15.36 10.67 1.51
C1 FK5 O . 9.95 4.36 -5.91
C2 FK5 O . 10.66 5.35 -4.98
C3 FK5 O . 12.17 5.17 -5.15
C4 FK5 O . 12.61 3.84 -4.52
C5 FK5 O . 12.25 3.79 -3.03
C6 FK5 O . 10.76 4.03 -2.86
C8 FK5 O . 9.74 6.31 -2.89
C9 FK5 O . 9.50 6.14 -1.38
C10 FK5 O . 8.13 5.62 -0.95
C11 FK5 O . 6.98 5.98 -1.92
C12 FK5 O . 5.72 5.19 -1.53
C13 FK5 O . 6.07 3.71 -1.42
C14 FK5 O . 7.18 3.58 -0.36
C15 FK5 O . 7.56 2.10 -0.17
C16 FK5 O . 7.68 1.39 -1.53
C17 FK5 O . 8.41 0.03 -1.54
C18 FK5 O . 7.38 -1.07 -1.16
C19 FK5 O . 6.67 -1.57 -2.39
C20 FK5 O . 5.51 -1.05 -2.73
C21 FK5 O . 4.82 -1.33 -4.02
C22 FK5 O . 5.23 -0.29 -5.03
C23 FK5 O . 6.43 -0.69 -5.86
C24 FK5 O . 7.00 0.56 -6.57
C25 FK5 O . 7.78 1.49 -5.60
C26 FK5 O . 8.21 2.78 -6.33
C27 FK5 O . 7.02 3.51 -6.88
C28 FK5 O . 6.99 3.75 -8.18
C29 FK5 O . 5.76 4.18 -8.90
C30 FK5 O . 5.90 5.65 -9.29
C31 FK5 O . 4.70 6.04 -10.17
C32 FK5 O . 4.68 5.15 -11.41
C33 FK5 O . 4.39 3.73 -10.94
C34 FK5 O . 5.58 3.27 -10.12
C35 FK5 O . 6.66 7.48 -1.82
C36 FK5 O . 9.58 -0.09 -0.57
C37 FK5 O . 7.34 -2.67 -3.14
C38 FK5 O . 3.31 -1.17 -3.84
C39 FK5 O . 2.67 -2.49 -3.53
C40 FK5 O . 2.14 -2.70 -2.34
C41 FK5 O . 9.02 0.73 -5.16
C42 FK5 O . 6.09 4.13 -5.91
C43 FK5 O . 3.98 2.99 -2.03
C44 FK5 O . 6.84 1.83 1.97
C45 FK5 O . 6.13 7.53 -11.27
N7 FK5 O . 10.34 5.28 -3.54
O1 FK5 O . 8.97 3.60 -5.40
O2 FK5 O . 10.08 4.44 -7.14
O3 FK5 O . 9.42 7.34 -3.50
O4 FK5 O . 10.36 6.38 -0.59
O5 FK5 O . 8.30 4.23 -0.84
O6 FK5 O . 7.82 6.07 0.34
O7 FK5 O . 4.92 3.01 -0.98
O8 FK5 O . 6.58 1.48 0.63
O9 FK5 O . 4.66 0.74 -5.15
O10 FK5 O . 7.84 0.13 -7.60
O11 FK5 O . 4.90 7.39 -10.59
O12 FK5 O . 3.65 5.65 -12.23
#